data_8PZ8
#
_entry.id   8PZ8
#
_cell.length_a   65.370
_cell.length_b   65.370
_cell.length_c   262.010
_cell.angle_alpha   90.00
_cell.angle_beta   90.00
_cell.angle_gamma   120.00
#
_symmetry.space_group_name_H-M   'P 65 2 2'
#
loop_
_entity.id
_entity.type
_entity.pdbx_description
1 polymer 'Vitamin D3 receptor A'
2 polymer 'Nuclear receptor coactivator 2'
3 non-polymer (1~{R},3~{R})-5-[(2~{E})-2-[(4~{a}~{R},5~{S},9~{a}~{S})-4~{a}-methyl-5-[(2~{R})-6-methyl-6-oxidanyl-heptan-2-yl]-3,4,5,6,7,8,9,9~{a}-octahydro-2~{H}-benzo[7]annulen-1-ylidene]ethylidene]cyclohexane-1,3-diol
4 water water
#
loop_
_entity_poly.entity_id
_entity_poly.type
_entity_poly.pdbx_seq_one_letter_code
_entity_poly.pdbx_strand_id
1 'polypeptide(L)'
;GSHMLSDEQMQIINSLVEAHHKTYDDSYSDFVRFRPPVREGPVTRSASRAASLHSLSDASSDSFNHSPESVDTKLNFSNL
LMMYQDSGSPDSSEEDQQSRLSMLPHLADLVSYSIQKVIGFAKMIPGFRDLTAEDQIALLKSSAIEIIMLRSNQSFSLED
MSWSCGGPDFKYCINDVTKAGHTLELLEPLVKFQVGLKKLKLHEEEHVLLMAICLLSPDRPGVQDHVRIEALQDRLCDVL
QAYIRIQHPGGRLLYAKMIQKLADLRSLNEEHSKQYRSLSFQPEHSMQLTPLVLEVFGSEVS
;
A
2 'polypeptide(L)' KHKILHRLLQDSS B
#
# COMPACT_ATOMS: atom_id res chain seq x y z
N HIS A 3 5.57 -5.12 -31.74
CA HIS A 3 4.37 -4.52 -31.15
C HIS A 3 4.65 -3.33 -30.19
N MET A 4 3.59 -2.70 -29.67
CA MET A 4 3.63 -1.36 -29.08
C MET A 4 2.53 -1.19 -28.03
N LEU A 5 2.61 -0.05 -27.32
CA LEU A 5 1.55 0.44 -26.45
C LEU A 5 0.69 1.46 -27.19
N SER A 6 -0.63 1.41 -26.94
CA SER A 6 -1.51 2.37 -27.59
C SER A 6 -1.45 3.71 -26.85
N ASP A 7 -2.10 4.72 -27.44
CA ASP A 7 -2.16 6.01 -26.78
C ASP A 7 -2.78 5.88 -25.40
N GLU A 8 -3.88 5.11 -25.28
CA GLU A 8 -4.56 5.03 -24.00
C GLU A 8 -3.72 4.33 -22.94
N GLN A 9 -2.98 3.29 -23.34
CA GLN A 9 -2.09 2.64 -22.38
C GLN A 9 -0.95 3.55 -21.99
N MET A 10 -0.60 4.49 -22.86
CA MET A 10 0.41 5.48 -22.52
C MET A 10 -0.07 6.40 -21.42
N GLN A 11 -1.20 7.07 -21.66
CA GLN A 11 -1.72 8.03 -20.69
C GLN A 11 -1.94 7.39 -19.34
N ILE A 12 -2.35 6.11 -19.32
CA ILE A 12 -2.54 5.40 -18.06
C ILE A 12 -1.22 5.21 -17.34
N ILE A 13 -0.14 5.01 -18.08
CA ILE A 13 1.16 4.96 -17.44
C ILE A 13 1.58 6.35 -16.98
N ASN A 14 1.41 7.34 -17.87
CA ASN A 14 1.69 8.72 -17.48
C ASN A 14 0.88 9.12 -16.25
N SER A 15 -0.41 8.74 -16.18
CA SER A 15 -1.22 9.19 -15.04
C SER A 15 -0.78 8.53 -13.74
N LEU A 16 -0.46 7.24 -13.78
CA LEU A 16 -0.11 6.55 -12.54
C LEU A 16 1.28 6.95 -12.04
N VAL A 17 2.19 7.32 -12.93
CA VAL A 17 3.53 7.68 -12.48
C VAL A 17 3.52 9.08 -11.89
N GLU A 18 2.85 10.02 -12.55
CA GLU A 18 2.65 11.35 -11.99
C GLU A 18 1.96 11.28 -10.63
N ALA A 19 0.88 10.50 -10.53
CA ALA A 19 0.14 10.39 -9.28
C ALA A 19 1.01 9.84 -8.17
N HIS A 20 1.97 8.97 -8.50
CA HIS A 20 2.83 8.44 -7.47
C HIS A 20 3.84 9.47 -7.01
N HIS A 21 4.38 10.25 -7.95
CA HIS A 21 5.32 11.31 -7.61
C HIS A 21 4.64 12.40 -6.78
N LYS A 22 3.35 12.61 -6.97
CA LYS A 22 2.63 13.59 -6.19
C LYS A 22 2.33 13.12 -4.78
N THR A 23 2.35 11.82 -4.53
CA THR A 23 1.95 11.28 -3.24
C THR A 23 3.06 10.49 -2.53
N TYR A 24 4.27 10.48 -3.08
CA TYR A 24 5.42 9.85 -2.41
C TYR A 24 6.58 10.81 -2.36
N ASP A 25 7.07 11.12 -1.18
CA ASP A 25 8.15 12.06 -0.98
C ASP A 25 9.38 11.26 -0.58
N ASP A 26 10.34 11.13 -1.50
CA ASP A 26 11.53 10.34 -1.20
C ASP A 26 12.38 10.92 -0.08
N SER A 27 12.12 12.15 0.36
CA SER A 27 12.89 12.74 1.45
C SER A 27 12.28 12.48 2.83
N TYR A 28 11.02 12.06 2.88
CA TYR A 28 10.33 11.72 4.14
C TYR A 28 10.35 12.88 5.13
N SER A 29 10.21 14.11 4.62
CA SER A 29 10.38 15.30 5.43
C SER A 29 9.18 15.58 6.32
N ASP A 30 7.99 15.13 5.95
CA ASP A 30 6.82 15.25 6.82
C ASP A 30 6.91 14.34 8.03
N PHE A 31 7.87 13.40 8.08
CA PHE A 31 7.95 12.52 9.24
C PHE A 31 8.31 13.28 10.52
N VAL A 32 8.82 14.50 10.40
CA VAL A 32 9.13 15.28 11.59
C VAL A 32 7.88 15.90 12.21
N ARG A 33 6.73 15.74 11.57
CA ARG A 33 5.46 16.19 12.11
C ARG A 33 4.71 15.09 12.84
N PHE A 34 5.19 13.85 12.75
CA PHE A 34 4.55 12.78 13.50
C PHE A 34 4.82 12.94 14.99
N ARG A 35 4.17 12.12 15.79
CA ARG A 35 4.63 11.95 17.16
C ARG A 35 5.97 11.22 17.13
N PRO A 36 6.97 11.71 17.86
CA PRO A 36 8.34 11.18 17.70
C PRO A 36 8.45 9.71 18.09
N PRO A 37 9.44 9.00 17.55
CA PRO A 37 9.63 7.59 17.96
C PRO A 37 10.28 7.48 19.33
N VAL A 38 10.02 6.36 19.98
CA VAL A 38 10.59 6.06 21.30
C VAL A 38 11.02 4.61 21.32
N ARG A 39 12.23 4.34 21.81
CA ARG A 39 12.76 2.99 21.76
C ARG A 39 13.30 2.48 23.09
N ARG A 100 5.63 -2.62 26.25
CA ARG A 100 5.14 -1.32 26.67
C ARG A 100 4.72 -0.47 25.46
N LEU A 101 5.10 -0.93 24.26
CA LEU A 101 4.58 -0.43 22.98
C LEU A 101 4.94 1.04 22.73
N SER A 102 6.23 1.34 22.83
CA SER A 102 6.70 2.73 22.75
C SER A 102 6.64 3.28 21.34
N MET A 103 6.85 2.43 20.32
CA MET A 103 6.84 2.87 18.93
C MET A 103 5.44 3.10 18.38
N LEU A 104 4.40 2.62 19.06
CA LEU A 104 3.05 2.68 18.50
C LEU A 104 2.58 4.08 18.12
N PRO A 105 2.81 5.14 18.89
CA PRO A 105 2.31 6.45 18.43
C PRO A 105 3.00 6.92 17.16
N HIS A 106 4.30 6.74 17.04
CA HIS A 106 4.96 7.19 15.83
C HIS A 106 4.48 6.39 14.63
N LEU A 107 4.42 5.06 14.77
CA LEU A 107 4.04 4.23 13.63
C LEU A 107 2.57 4.40 13.29
N ALA A 108 1.71 4.65 14.27
CA ALA A 108 0.31 4.95 13.94
C ALA A 108 0.20 6.21 13.10
N ASP A 109 0.90 7.27 13.52
CA ASP A 109 1.01 8.49 12.71
C ASP A 109 1.54 8.18 11.31
N LEU A 110 2.55 7.31 11.21
CA LEU A 110 3.13 7.04 9.89
C LEU A 110 2.12 6.36 8.98
N VAL A 111 1.50 5.28 9.47
CA VAL A 111 0.42 4.61 8.75
C VAL A 111 -0.70 5.56 8.40
N SER A 112 -1.04 6.46 9.33
CA SER A 112 -2.17 7.36 9.08
C SER A 112 -1.82 8.33 7.96
N TYR A 113 -0.60 8.85 7.98
CA TYR A 113 -0.09 9.65 6.86
C TYR A 113 -0.13 8.86 5.56
N SER A 114 0.36 7.65 5.57
CA SER A 114 0.38 6.85 4.37
C SER A 114 -1.02 6.56 3.82
N ILE A 115 -2.01 6.42 4.67
CA ILE A 115 -3.38 6.23 4.19
C ILE A 115 -3.85 7.44 3.40
N GLN A 116 -3.59 8.64 3.91
CA GLN A 116 -3.91 9.85 3.14
C GLN A 116 -3.24 9.86 1.77
N LYS A 117 -2.04 9.29 1.67
CA LYS A 117 -1.30 9.31 0.42
C LYS A 117 -1.89 8.30 -0.58
N VAL A 118 -2.20 7.09 -0.12
CA VAL A 118 -2.80 6.06 -0.97
C VAL A 118 -4.15 6.51 -1.51
N ILE A 119 -4.95 7.20 -0.69
CA ILE A 119 -6.21 7.77 -1.17
C ILE A 119 -5.94 8.74 -2.32
N GLY A 120 -4.90 9.57 -2.19
CA GLY A 120 -4.54 10.45 -3.27
C GLY A 120 -4.18 9.68 -4.53
N PHE A 121 -3.29 8.70 -4.40
CA PHE A 121 -2.96 7.83 -5.52
C PHE A 121 -4.24 7.28 -6.13
N ALA A 122 -5.11 6.76 -5.27
CA ALA A 122 -6.31 6.10 -5.73
C ALA A 122 -7.16 7.03 -6.57
N LYS A 123 -7.39 8.26 -6.10
CA LYS A 123 -8.23 9.19 -6.82
C LYS A 123 -7.65 9.58 -8.17
N MET A 124 -6.42 9.22 -8.46
CA MET A 124 -5.82 9.58 -9.74
C MET A 124 -5.60 8.39 -10.66
N ILE A 125 -5.89 7.18 -10.21
CA ILE A 125 -5.95 5.98 -11.04
C ILE A 125 -7.07 6.14 -12.05
N PRO A 126 -6.78 6.14 -13.36
CA PRO A 126 -7.85 6.39 -14.35
C PRO A 126 -8.98 5.39 -14.20
N GLY A 127 -10.19 5.90 -14.03
CA GLY A 127 -11.37 5.10 -13.87
C GLY A 127 -11.83 4.90 -12.43
N PHE A 128 -10.91 5.03 -11.47
CA PHE A 128 -11.29 4.89 -10.08
C PHE A 128 -12.35 5.91 -9.69
N ARG A 129 -12.13 7.18 -10.07
CA ARG A 129 -13.05 8.25 -9.72
C ARG A 129 -14.46 7.97 -10.23
N ASP A 130 -14.63 7.05 -11.17
CA ASP A 130 -15.93 6.78 -11.80
C ASP A 130 -16.77 5.78 -11.02
N LEU A 131 -16.14 4.86 -10.29
CA LEU A 131 -16.88 4.01 -9.39
C LEU A 131 -17.70 4.84 -8.40
N THR A 132 -18.74 4.23 -7.84
CA THR A 132 -19.51 4.92 -6.80
C THR A 132 -18.64 5.15 -5.57
N ALA A 133 -19.11 6.04 -4.69
CA ALA A 133 -18.39 6.33 -3.47
C ALA A 133 -18.24 5.08 -2.61
N GLU A 134 -19.25 4.21 -2.65
CA GLU A 134 -19.22 2.99 -1.84
C GLU A 134 -18.05 2.11 -2.26
N ASP A 135 -17.93 1.83 -3.56
CA ASP A 135 -16.84 0.96 -4.04
C ASP A 135 -15.48 1.59 -3.78
N GLN A 136 -15.35 2.90 -3.98
CA GLN A 136 -14.08 3.55 -3.64
C GLN A 136 -13.72 3.30 -2.18
N ILE A 137 -14.66 3.60 -1.27
CA ILE A 137 -14.44 3.30 0.15
C ILE A 137 -14.18 1.80 0.35
N ALA A 138 -15.00 0.95 -0.27
CA ALA A 138 -14.84 -0.50 -0.15
C ALA A 138 -13.46 -0.96 -0.62
N LEU A 139 -13.00 -0.47 -1.78
CA LEU A 139 -11.68 -0.88 -2.24
C LEU A 139 -10.57 -0.30 -1.36
N LEU A 140 -10.77 0.90 -0.84
CA LEU A 140 -9.72 1.52 -0.03
C LEU A 140 -9.61 0.91 1.35
N LYS A 141 -10.74 0.61 2.00
CA LYS A 141 -10.65 0.06 3.35
C LYS A 141 -9.91 -1.28 3.36
N SER A 142 -10.19 -2.15 2.39
CA SER A 142 -9.59 -3.47 2.42
C SER A 142 -8.22 -3.56 1.76
N SER A 143 -7.85 -2.62 0.90
CA SER A 143 -6.57 -2.73 0.23
C SER A 143 -5.49 -1.81 0.77
N ALA A 144 -5.84 -0.80 1.57
CA ALA A 144 -4.87 0.21 2.00
C ALA A 144 -3.62 -0.40 2.63
N ILE A 145 -3.80 -1.35 3.55
CA ILE A 145 -2.61 -1.88 4.22
C ILE A 145 -1.69 -2.53 3.22
N GLU A 146 -2.25 -3.15 2.17
CA GLU A 146 -1.45 -3.80 1.14
C GLU A 146 -0.70 -2.79 0.28
N ILE A 147 -1.39 -1.71 -0.13
CA ILE A 147 -0.70 -0.65 -0.87
C ILE A 147 0.40 -0.02 -0.02
N ILE A 148 0.14 0.19 1.27
CA ILE A 148 1.17 0.73 2.16
C ILE A 148 2.38 -0.21 2.24
N MET A 149 2.14 -1.53 2.29
CA MET A 149 3.25 -2.47 2.29
C MET A 149 4.03 -2.42 0.98
N LEU A 150 3.32 -2.20 -0.13
CA LEU A 150 3.96 -2.10 -1.44
C LEU A 150 4.78 -0.83 -1.55
N ARG A 151 4.16 0.28 -1.22
CA ARG A 151 4.84 1.56 -1.32
C ARG A 151 6.01 1.66 -0.39
N SER A 152 5.95 0.94 0.70
CA SER A 152 7.04 0.98 1.65
C SER A 152 8.28 0.26 1.13
N ASN A 153 8.16 -0.51 0.04
CA ASN A 153 9.34 -1.10 -0.59
C ASN A 153 10.32 -0.06 -1.08
N GLN A 154 9.85 1.13 -1.43
CA GLN A 154 10.75 2.17 -1.89
C GLN A 154 11.72 2.63 -0.80
N SER A 155 11.44 2.36 0.46
CA SER A 155 12.31 2.75 1.57
C SER A 155 13.03 1.59 2.21
N PHE A 156 12.79 0.40 1.73
CA PHE A 156 13.38 -0.80 2.34
C PHE A 156 14.76 -1.04 1.75
N SER A 157 15.78 -1.06 2.61
CA SER A 157 17.14 -1.30 2.17
C SER A 157 17.49 -2.76 2.40
N LEU A 158 18.06 -3.41 1.39
CA LEU A 158 18.60 -4.75 1.57
C LEU A 158 19.79 -4.73 2.52
N GLU A 159 20.59 -3.67 2.47
CA GLU A 159 21.86 -3.63 3.20
C GLU A 159 21.67 -3.73 4.70
N ASP A 160 20.46 -3.48 5.22
CA ASP A 160 20.21 -3.53 6.65
C ASP A 160 18.85 -4.12 7.01
N MET A 161 18.04 -4.52 6.03
CA MET A 161 16.72 -5.12 6.23
C MET A 161 15.79 -4.23 7.02
N SER A 162 16.04 -2.93 7.03
CA SER A 162 15.16 -1.97 7.66
C SER A 162 14.57 -1.05 6.60
N TRP A 163 13.57 -0.28 7.01
CA TRP A 163 13.07 0.82 6.21
C TRP A 163 13.81 2.08 6.64
N SER A 164 14.59 2.66 5.73
CA SER A 164 15.44 3.78 6.08
C SER A 164 14.84 5.04 5.49
N CYS A 165 13.99 5.70 6.29
CA CYS A 165 13.30 6.93 5.91
C CYS A 165 14.01 8.19 6.38
N GLY A 166 15.31 8.13 6.55
CA GLY A 166 16.00 9.31 7.00
C GLY A 166 17.16 8.89 7.85
N GLY A 167 17.28 9.47 9.04
CA GLY A 167 18.41 9.20 9.89
C GLY A 167 18.12 8.07 10.84
N PRO A 168 18.89 7.98 11.92
CA PRO A 168 18.59 6.97 12.96
C PRO A 168 17.20 7.09 13.54
N ASP A 169 16.57 8.28 13.45
CA ASP A 169 15.21 8.43 13.96
C ASP A 169 14.22 7.65 13.12
N PHE A 170 14.22 7.85 11.79
CA PHE A 170 13.22 7.22 10.92
C PHE A 170 13.77 5.99 10.20
N LYS A 171 14.77 5.33 10.78
CA LYS A 171 15.22 4.01 10.33
C LYS A 171 14.47 2.96 11.13
N TYR A 172 13.45 2.36 10.54
CA TYR A 172 12.61 1.41 11.25
C TYR A 172 13.17 0.01 11.02
N CYS A 173 13.68 -0.60 12.09
CA CYS A 173 14.21 -1.95 12.01
C CYS A 173 13.16 -2.93 12.50
N ILE A 174 13.55 -4.17 12.75
CA ILE A 174 12.59 -5.20 13.11
C ILE A 174 12.16 -5.06 14.57
N ASN A 175 13.04 -4.58 15.45
CA ASN A 175 12.68 -4.40 16.85
C ASN A 175 11.69 -3.26 17.05
N ASP A 176 11.62 -2.31 16.11
CA ASP A 176 10.66 -1.22 16.22
C ASP A 176 9.26 -1.64 15.82
N VAL A 177 9.13 -2.56 14.86
CA VAL A 177 7.81 -3.08 14.51
C VAL A 177 7.21 -3.82 15.70
N THR A 178 8.03 -4.61 16.41
CA THR A 178 7.52 -5.31 17.58
C THR A 178 7.21 -4.36 18.73
N LYS A 179 7.91 -3.23 18.81
CA LYS A 179 7.57 -2.23 19.81
C LYS A 179 6.30 -1.44 19.44
N ALA A 180 5.69 -1.74 18.30
CA ALA A 180 4.38 -1.22 17.95
C ALA A 180 3.28 -2.26 18.14
N GLY A 181 3.53 -3.28 18.96
CA GLY A 181 2.53 -4.30 19.21
C GLY A 181 2.25 -5.25 18.06
N HIS A 182 3.28 -5.65 17.30
CA HIS A 182 3.10 -6.61 16.23
C HIS A 182 4.09 -7.74 16.38
N THR A 183 3.61 -8.97 16.24
CA THR A 183 4.43 -10.12 16.53
C THR A 183 5.27 -10.49 15.32
N LEU A 184 6.11 -11.50 15.51
CA LEU A 184 6.93 -12.01 14.42
C LEU A 184 6.10 -12.72 13.36
N GLU A 185 4.93 -13.23 13.74
CA GLU A 185 4.04 -13.83 12.76
C GLU A 185 3.73 -12.87 11.61
N LEU A 186 3.64 -11.57 11.89
CA LEU A 186 3.51 -10.59 10.82
C LEU A 186 4.87 -10.22 10.25
N LEU A 187 5.84 -9.97 11.13
CA LEU A 187 7.12 -9.44 10.70
C LEU A 187 7.90 -10.41 9.82
N GLU A 188 7.80 -11.71 10.12
CA GLU A 188 8.62 -12.68 9.38
C GLU A 188 8.23 -12.78 7.91
N PRO A 189 6.95 -12.99 7.54
CA PRO A 189 6.62 -12.91 6.10
C PRO A 189 6.64 -11.49 5.53
N LEU A 190 6.50 -10.44 6.35
CA LEU A 190 6.51 -9.10 5.81
C LEU A 190 7.87 -8.73 5.25
N VAL A 191 8.92 -9.04 6.00
CA VAL A 191 10.26 -8.69 5.53
C VAL A 191 10.66 -9.57 4.36
N LYS A 192 10.30 -10.87 4.41
CA LYS A 192 10.52 -11.77 3.27
C LYS A 192 9.79 -11.28 2.03
N PHE A 193 8.63 -10.64 2.21
CA PHE A 193 7.98 -10.01 1.08
C PHE A 193 8.79 -8.81 0.60
N GLN A 194 9.37 -8.05 1.52
CA GLN A 194 10.16 -6.89 1.14
C GLN A 194 11.44 -7.30 0.40
N VAL A 195 12.16 -8.31 0.89
CA VAL A 195 13.37 -8.70 0.18
C VAL A 195 13.02 -9.42 -1.12
N GLY A 196 11.90 -10.13 -1.17
CA GLY A 196 11.48 -10.74 -2.43
C GLY A 196 11.09 -9.69 -3.45
N LEU A 197 10.34 -8.68 -3.01
CA LEU A 197 9.95 -7.59 -3.90
C LEU A 197 11.14 -6.75 -4.33
N LYS A 198 12.09 -6.52 -3.42
CA LYS A 198 13.23 -5.66 -3.74
C LYS A 198 14.07 -6.29 -4.81
N LYS A 199 14.28 -7.60 -4.72
CA LYS A 199 15.13 -8.31 -5.68
C LYS A 199 14.55 -8.23 -7.09
N LEU A 200 13.26 -7.98 -7.24
CA LEU A 200 12.67 -7.91 -8.57
C LEU A 200 13.20 -6.73 -9.38
N LYS A 201 13.71 -5.68 -8.72
CA LYS A 201 14.31 -4.53 -9.40
C LYS A 201 13.35 -3.90 -10.40
N LEU A 202 12.09 -3.75 -9.96
CA LEU A 202 11.04 -3.20 -10.80
C LEU A 202 11.36 -1.77 -11.25
N HIS A 203 11.01 -1.47 -12.51
CA HIS A 203 11.00 -0.11 -12.98
C HIS A 203 9.94 0.70 -12.23
N GLU A 204 9.99 2.02 -12.39
CA GLU A 204 9.00 2.86 -11.73
C GLU A 204 7.59 2.52 -12.19
N GLU A 205 7.42 2.29 -13.50
CA GLU A 205 6.12 2.05 -14.09
C GLU A 205 5.51 0.74 -13.58
N GLU A 206 6.32 -0.31 -13.46
CA GLU A 206 5.81 -1.59 -12.97
C GLU A 206 5.39 -1.49 -11.51
N HIS A 207 6.18 -0.80 -10.68
CA HIS A 207 5.84 -0.64 -9.27
C HIS A 207 4.51 0.06 -9.12
N VAL A 208 4.31 1.11 -9.92
CA VAL A 208 3.09 1.89 -9.82
C VAL A 208 1.91 1.13 -10.44
N LEU A 209 2.13 0.40 -11.54
CA LEU A 209 1.09 -0.46 -12.09
C LEU A 209 0.71 -1.55 -11.10
N LEU A 210 1.67 -2.07 -10.34
CA LEU A 210 1.36 -3.12 -9.38
C LEU A 210 0.47 -2.59 -8.27
N MET A 211 0.78 -1.37 -7.77
CA MET A 211 -0.05 -0.75 -6.74
C MET A 211 -1.50 -0.60 -7.22
N ALA A 212 -1.71 -0.07 -8.43
CA ALA A 212 -3.06 0.14 -8.92
C ALA A 212 -3.79 -1.18 -9.17
N ILE A 213 -3.07 -2.17 -9.68
CA ILE A 213 -3.69 -3.48 -9.84
C ILE A 213 -4.13 -4.03 -8.48
N CYS A 214 -3.32 -3.80 -7.45
CA CYS A 214 -3.64 -4.30 -6.12
C CYS A 214 -4.90 -3.67 -5.58
N LEU A 215 -4.94 -2.34 -5.59
CA LEU A 215 -6.12 -1.58 -5.20
C LEU A 215 -7.37 -2.05 -5.93
N LEU A 216 -7.25 -2.37 -7.21
CA LEU A 216 -8.41 -2.68 -8.03
C LEU A 216 -8.77 -4.17 -8.04
N SER A 217 -8.41 -4.93 -7.01
CA SER A 217 -8.83 -6.33 -6.95
C SER A 217 -10.34 -6.41 -6.73
N PRO A 218 -11.09 -7.11 -7.60
CA PRO A 218 -12.53 -7.28 -7.35
C PRO A 218 -12.82 -8.19 -6.18
N ASP A 219 -11.84 -8.98 -5.73
CA ASP A 219 -12.03 -9.88 -4.59
C ASP A 219 -11.75 -9.12 -3.29
N ARG A 220 -12.62 -8.18 -3.01
CA ARG A 220 -12.53 -7.46 -1.77
C ARG A 220 -13.92 -7.37 -1.15
N PRO A 221 -14.00 -7.42 0.18
CA PRO A 221 -15.31 -7.34 0.84
C PRO A 221 -15.92 -5.96 0.69
N GLY A 222 -17.21 -5.91 0.35
CA GLY A 222 -17.93 -4.67 0.21
C GLY A 222 -18.25 -4.28 -1.22
N VAL A 223 -17.38 -4.61 -2.18
CA VAL A 223 -17.57 -4.12 -3.54
C VAL A 223 -18.91 -4.63 -4.09
N GLN A 224 -19.52 -3.82 -4.94
CA GLN A 224 -20.76 -4.20 -5.58
C GLN A 224 -20.68 -4.22 -7.10
N ASP A 225 -19.82 -3.41 -7.71
CA ASP A 225 -19.67 -3.43 -9.15
C ASP A 225 -18.53 -4.38 -9.51
N HIS A 226 -18.82 -5.67 -9.30
CA HIS A 226 -17.87 -6.72 -9.66
C HIS A 226 -17.45 -6.57 -11.12
N VAL A 227 -18.38 -6.16 -11.99
CA VAL A 227 -18.02 -6.02 -13.41
C VAL A 227 -17.16 -4.79 -13.63
N ARG A 228 -17.59 -3.62 -13.15
CA ARG A 228 -16.85 -2.42 -13.50
C ARG A 228 -15.44 -2.43 -12.92
N ILE A 229 -15.26 -2.88 -11.68
CA ILE A 229 -13.89 -2.84 -11.16
C ILE A 229 -13.07 -4.01 -11.70
N GLU A 230 -13.69 -5.14 -12.03
CA GLU A 230 -12.92 -6.20 -12.68
C GLU A 230 -12.46 -5.78 -14.07
N ALA A 231 -13.20 -4.88 -14.75
CA ALA A 231 -12.79 -4.35 -16.04
C ALA A 231 -11.58 -3.42 -15.91
N LEU A 232 -11.59 -2.49 -14.96
CA LEU A 232 -10.44 -1.61 -14.76
C LEU A 232 -9.20 -2.42 -14.42
N GLN A 233 -9.33 -3.37 -13.48
CA GLN A 233 -8.15 -4.14 -13.09
C GLN A 233 -7.56 -4.92 -14.26
N ASP A 234 -8.38 -5.29 -15.24
CA ASP A 234 -7.85 -6.02 -16.39
C ASP A 234 -7.25 -5.09 -17.44
N ARG A 235 -7.83 -3.91 -17.65
CA ARG A 235 -7.17 -2.92 -18.48
C ARG A 235 -5.78 -2.60 -17.93
N LEU A 236 -5.65 -2.57 -16.60
CA LEU A 236 -4.38 -2.26 -15.95
C LEU A 236 -3.38 -3.40 -16.10
N CYS A 237 -3.85 -4.65 -15.99
CA CYS A 237 -2.97 -5.79 -16.23
C CYS A 237 -2.53 -5.83 -17.69
N ASP A 238 -3.44 -5.46 -18.60
CA ASP A 238 -3.09 -5.40 -20.02
C ASP A 238 -1.98 -4.38 -20.25
N VAL A 239 -2.02 -3.26 -19.53
CA VAL A 239 -0.94 -2.29 -19.66
C VAL A 239 0.35 -2.86 -19.10
N LEU A 240 0.27 -3.49 -17.93
CA LEU A 240 1.48 -4.01 -17.31
C LEU A 240 2.08 -5.13 -18.16
N GLN A 241 1.24 -6.04 -18.66
CA GLN A 241 1.74 -7.11 -19.54
C GLN A 241 2.37 -6.54 -20.81
N ALA A 242 1.74 -5.53 -21.39
CA ALA A 242 2.32 -4.87 -22.55
C ALA A 242 3.64 -4.20 -22.21
N TYR A 243 3.66 -3.45 -21.11
CA TYR A 243 4.87 -2.73 -20.72
C TYR A 243 6.07 -3.67 -20.57
N ILE A 244 5.87 -4.81 -19.91
CA ILE A 244 6.97 -5.75 -19.70
C ILE A 244 7.43 -6.34 -21.02
N ARG A 245 6.50 -6.59 -21.94
CA ARG A 245 6.86 -7.08 -23.26
C ARG A 245 7.75 -6.09 -23.99
N ILE A 246 7.40 -4.79 -23.93
CA ILE A 246 8.07 -3.82 -24.78
C ILE A 246 9.35 -3.31 -24.14
N GLN A 247 9.32 -3.04 -22.83
CA GLN A 247 10.36 -2.24 -22.20
C GLN A 247 11.03 -2.96 -21.04
N HIS A 248 11.07 -4.29 -21.12
CA HIS A 248 11.66 -5.09 -20.01
C HIS A 248 12.04 -6.48 -20.51
N PRO A 249 13.30 -6.67 -20.98
CA PRO A 249 13.78 -8.00 -21.33
C PRO A 249 14.51 -8.53 -20.08
N GLY A 250 14.74 -9.83 -20.01
CA GLY A 250 15.36 -10.43 -18.81
C GLY A 250 14.30 -10.80 -17.81
N GLY A 251 13.02 -10.87 -18.24
CA GLY A 251 11.92 -11.24 -17.33
C GLY A 251 10.69 -11.71 -18.09
N ARG A 252 10.68 -12.98 -18.50
CA ARG A 252 9.49 -13.54 -19.19
C ARG A 252 8.48 -13.95 -18.13
N LEU A 253 8.98 -14.26 -16.94
CA LEU A 253 8.07 -14.62 -15.82
C LEU A 253 7.92 -13.40 -14.91
N LEU A 254 8.31 -12.20 -15.38
CA LEU A 254 8.19 -11.08 -14.45
C LEU A 254 6.72 -10.78 -14.13
N TYR A 255 5.85 -10.89 -15.13
CA TYR A 255 4.42 -10.66 -14.86
C TYR A 255 3.84 -11.72 -13.92
N ALA A 256 4.38 -12.94 -13.98
CA ALA A 256 3.88 -14.01 -13.11
C ALA A 256 4.37 -13.84 -11.68
N LYS A 257 5.64 -13.47 -11.51
CA LYS A 257 6.17 -13.25 -10.17
C LYS A 257 5.56 -12.03 -9.50
N MET A 258 5.08 -11.06 -10.28
CA MET A 258 4.42 -9.89 -9.69
C MET A 258 3.03 -10.27 -9.17
N ILE A 259 2.23 -10.89 -10.05
CA ILE A 259 0.93 -11.40 -9.65
C ILE A 259 1.06 -12.33 -8.46
N GLN A 260 2.15 -13.10 -8.42
CA GLN A 260 2.51 -13.86 -7.23
C GLN A 260 2.53 -12.96 -6.00
N LYS A 261 3.18 -11.80 -6.10
CA LYS A 261 3.29 -10.92 -4.93
C LYS A 261 1.92 -10.47 -4.45
N LEU A 262 0.94 -10.31 -5.36
CA LEU A 262 -0.39 -9.89 -4.93
C LEU A 262 -1.02 -10.91 -4.00
N ALA A 263 -0.79 -12.20 -4.25
CA ALA A 263 -1.24 -13.23 -3.32
C ALA A 263 -0.47 -13.18 -1.99
N ASP A 264 0.85 -12.93 -2.06
CA ASP A 264 1.63 -12.73 -0.84
C ASP A 264 0.99 -11.66 0.04
N LEU A 265 0.56 -10.55 -0.57
CA LEU A 265 -0.05 -9.45 0.18
C LEU A 265 -1.36 -9.86 0.84
N ARG A 266 -2.24 -10.57 0.12
CA ARG A 266 -3.47 -11.07 0.71
C ARG A 266 -3.21 -11.72 2.06
N SER A 267 -2.12 -12.49 2.15
CA SER A 267 -1.79 -13.22 3.38
C SER A 267 -1.20 -12.29 4.43
N LEU A 268 -0.35 -11.35 4.02
CA LEU A 268 0.15 -10.37 4.98
C LEU A 268 -0.98 -9.50 5.51
N ASN A 269 -1.93 -9.14 4.62
CA ASN A 269 -3.10 -8.35 5.02
C ASN A 269 -3.88 -9.06 6.10
N GLU A 270 -4.08 -10.37 5.97
CA GLU A 270 -4.82 -11.12 6.98
C GLU A 270 -4.12 -11.05 8.33
N GLU A 271 -2.82 -11.34 8.35
CA GLU A 271 -2.11 -11.37 9.63
C GLU A 271 -2.10 -10.00 10.29
N HIS A 272 -1.89 -8.93 9.52
CA HIS A 272 -1.89 -7.61 10.12
C HIS A 272 -3.27 -7.25 10.66
N SER A 273 -4.32 -7.60 9.94
CA SER A 273 -5.65 -7.19 10.39
C SER A 273 -6.10 -8.03 11.58
N LYS A 274 -5.54 -9.24 11.75
CA LYS A 274 -5.79 -10.02 12.96
C LYS A 274 -5.15 -9.34 14.18
N GLN A 275 -3.88 -8.97 14.06
CA GLN A 275 -3.17 -8.33 15.15
C GLN A 275 -3.69 -6.94 15.43
N TYR A 276 -4.15 -6.23 14.40
CA TYR A 276 -4.78 -4.93 14.64
C TYR A 276 -6.06 -5.09 15.43
N ARG A 277 -6.90 -6.06 15.03
CA ARG A 277 -8.16 -6.28 15.72
C ARG A 277 -7.93 -6.43 17.22
N SER A 278 -6.93 -7.25 17.60
CA SER A 278 -6.62 -7.39 19.02
C SER A 278 -6.24 -6.05 19.64
N LEU A 279 -5.41 -5.27 18.93
CA LEU A 279 -4.98 -3.99 19.46
C LEU A 279 -6.15 -3.01 19.60
N SER A 280 -7.03 -2.95 18.60
CA SER A 280 -8.12 -2.00 18.63
C SER A 280 -9.17 -2.32 19.69
N PHE A 281 -9.09 -3.47 20.37
CA PHE A 281 -9.97 -3.77 21.49
C PHE A 281 -9.28 -3.64 22.83
N GLN A 282 -8.00 -3.31 22.84
CA GLN A 282 -7.34 -2.90 24.07
C GLN A 282 -7.39 -1.37 24.13
N PRO A 283 -8.33 -0.78 24.87
CA PRO A 283 -8.53 0.68 24.79
C PRO A 283 -7.29 1.49 25.06
N GLU A 284 -6.40 1.04 25.94
CA GLU A 284 -5.14 1.75 26.18
C GLU A 284 -4.27 1.82 24.93
N HIS A 285 -4.49 0.94 23.97
CA HIS A 285 -3.75 0.93 22.72
C HIS A 285 -4.51 1.63 21.61
N SER A 286 -5.80 1.34 21.49
CA SER A 286 -6.59 2.01 20.47
C SER A 286 -6.56 3.51 20.65
N MET A 287 -6.39 3.99 21.90
CA MET A 287 -6.29 5.43 22.12
C MET A 287 -4.99 6.01 21.57
N GLN A 288 -4.01 5.17 21.23
CA GLN A 288 -2.80 5.66 20.58
C GLN A 288 -2.97 5.80 19.07
N LEU A 289 -4.04 5.28 18.49
CA LEU A 289 -4.20 5.36 17.04
C LEU A 289 -4.78 6.72 16.64
N THR A 290 -4.91 6.96 15.34
CA THR A 290 -5.54 8.17 14.84
C THR A 290 -6.95 7.87 14.40
N PRO A 291 -7.80 8.90 14.25
CA PRO A 291 -9.16 8.65 13.72
C PRO A 291 -9.18 8.00 12.32
N LEU A 292 -8.26 8.36 11.45
CA LEU A 292 -8.23 7.74 10.12
C LEU A 292 -7.89 6.26 10.21
N VAL A 293 -6.85 5.91 10.99
CA VAL A 293 -6.47 4.51 11.17
C VAL A 293 -7.65 3.71 11.70
N LEU A 294 -8.33 4.23 12.74
CA LEU A 294 -9.47 3.53 13.31
C LEU A 294 -10.62 3.37 12.30
N GLU A 295 -10.78 4.32 11.39
CA GLU A 295 -11.86 4.21 10.41
C GLU A 295 -11.50 3.23 9.30
N VAL A 296 -10.26 3.29 8.79
CA VAL A 296 -9.87 2.49 7.63
C VAL A 296 -9.78 1.02 8.01
N PHE A 297 -9.23 0.71 9.18
CA PHE A 297 -8.98 -0.66 9.59
C PHE A 297 -10.05 -1.25 10.50
N GLY A 298 -11.08 -0.49 10.86
CA GLY A 298 -12.15 -1.00 11.69
C GLY A 298 -13.34 -1.37 10.84
N SER A 299 -14.13 -2.34 11.32
CA SER A 299 -15.32 -2.78 10.59
C SER A 299 -16.41 -1.71 10.70
N GLU A 300 -16.82 -1.17 9.56
CA GLU A 300 -17.83 -0.11 9.52
C GLU A 300 -18.80 -0.25 8.36
N VAL A 301 -18.63 -1.25 7.49
CA VAL A 301 -19.44 -1.51 6.30
C VAL A 301 -19.93 -0.22 5.64
N HIS B 2 -17.81 6.23 8.05
CA HIS B 2 -16.88 6.51 6.96
C HIS B 2 -16.70 8.00 6.71
N LYS B 3 -17.06 8.82 7.72
CA LYS B 3 -17.09 10.26 7.53
C LYS B 3 -15.82 10.77 6.88
N ILE B 4 -14.66 10.46 7.47
CA ILE B 4 -13.39 11.03 7.03
C ILE B 4 -12.97 10.49 5.67
N LEU B 5 -13.03 9.16 5.52
CA LEU B 5 -12.70 8.53 4.25
C LEU B 5 -13.54 9.12 3.13
N HIS B 6 -14.82 9.34 3.39
CA HIS B 6 -15.72 9.90 2.40
C HIS B 6 -15.30 11.31 1.99
N ARG B 7 -15.02 12.18 2.98
CA ARG B 7 -14.55 13.52 2.66
C ARG B 7 -13.19 13.49 1.98
N LEU B 8 -12.32 12.57 2.39
CA LEU B 8 -10.99 12.50 1.79
C LEU B 8 -11.05 12.09 0.32
N LEU B 9 -12.08 11.36 -0.09
CA LEU B 9 -12.30 11.13 -1.51
C LEU B 9 -12.95 12.32 -2.21
N GLN B 10 -12.97 13.49 -1.56
CA GLN B 10 -13.61 14.68 -2.11
C GLN B 10 -14.98 14.37 -2.66
#